data_3AJM
#
_entry.id   3AJM
#
_cell.length_a   89.830
_cell.length_b   89.830
_cell.length_c   114.200
_cell.angle_alpha   90.00
_cell.angle_beta   90.00
_cell.angle_gamma   90.00
#
_symmetry.space_group_name_H-M   'P 41 21 2'
#
loop_
_entity.id
_entity.type
_entity.pdbx_description
1 polymer 'Programmed cell death protein 10'
2 non-polymer INOSITOL-(1,3,4,5)-TETRAKISPHOSPHATE
3 water water
#
_entity_poly.entity_id   1
_entity_poly.type   'polypeptide(L)'
_entity_poly.pdbx_seq_one_letter_code
;MKNEAETTSMVSMPLYAVMYPVFNELERVNLSAAQTLRAAFIKAEKENPGLTQDIIMKILEKKSVEVNFTESLLRMAADD
VEEYMIERPEPEFQDLNEKARALKQILSKIPDEINDRVRFLQTIKDIASAIKELLDTVNNVFKKYQYQNRRALEHQKKEF
VKYSKSFSDTLKTYFKDGKAINVFVSANRLIHQTNLILQTFKTVALEHHHHHH
;
_entity_poly.pdbx_strand_id   A,B
#
# COMPACT_ATOMS: atom_id res chain seq x y z
N GLU A 4 -19.06 16.97 6.15
CA GLU A 4 -19.43 17.12 7.56
C GLU A 4 -18.30 17.74 8.37
N ALA A 5 -17.33 16.91 8.75
CA ALA A 5 -16.20 17.37 9.55
C ALA A 5 -15.04 17.83 8.68
N GLU A 6 -14.01 18.39 9.30
CA GLU A 6 -12.79 18.75 8.59
C GLU A 6 -11.74 17.66 8.80
N THR A 7 -10.86 17.50 7.81
CA THR A 7 -9.85 16.46 7.85
C THR A 7 -8.55 16.95 8.49
N THR A 8 -8.68 17.56 9.65
CA THR A 8 -7.53 18.17 10.33
C THR A 8 -7.14 17.34 11.55
N SER A 9 -7.78 16.18 11.68
CA SER A 9 -7.53 15.30 12.82
C SER A 9 -6.44 14.27 12.50
N MET A 10 -5.83 13.75 13.56
CA MET A 10 -4.77 12.76 13.44
C MET A 10 -5.15 11.59 12.54
N VAL A 11 -6.40 11.15 12.64
CA VAL A 11 -6.85 9.98 11.91
C VAL A 11 -6.89 10.21 10.39
N SER A 12 -6.85 11.48 9.99
CA SER A 12 -6.91 11.83 8.57
C SER A 12 -5.52 12.00 7.96
N MET A 13 -4.50 11.84 8.80
CA MET A 13 -3.11 11.98 8.37
C MET A 13 -2.79 11.25 7.06
N PRO A 14 -3.11 9.95 6.97
CA PRO A 14 -2.80 9.15 5.78
C PRO A 14 -3.35 9.75 4.47
N LEU A 15 -4.43 10.51 4.56
CA LEU A 15 -5.01 11.15 3.39
C LEU A 15 -3.96 12.07 2.75
N TYR A 16 -3.27 12.86 3.57
CA TYR A 16 -2.31 13.82 3.08
C TYR A 16 -0.90 13.24 2.95
N ALA A 17 -0.58 12.26 3.80
CA ALA A 17 0.74 11.65 3.79
C ALA A 17 0.88 10.57 2.72
N VAL A 18 -0.22 9.90 2.39
CA VAL A 18 -0.16 8.81 1.41
C VAL A 18 -0.87 9.14 0.09
N MET A 19 -2.16 9.44 0.14
CA MET A 19 -2.97 9.60 -1.07
C MET A 19 -2.65 10.83 -1.92
N TYR A 20 -2.51 12.00 -1.30
CA TYR A 20 -2.29 13.23 -2.04
C TYR A 20 -1.04 13.21 -2.92
N PRO A 21 0.08 12.67 -2.39
CA PRO A 21 1.28 12.54 -3.23
C PRO A 21 0.98 11.67 -4.45
N VAL A 22 0.25 10.58 -4.24
CA VAL A 22 -0.13 9.69 -5.33
C VAL A 22 -0.97 10.43 -6.36
N PHE A 23 -1.97 11.19 -5.89
CA PHE A 23 -2.87 11.92 -6.78
C PHE A 23 -2.15 13.02 -7.57
N ASN A 24 -1.04 13.50 -7.03
CA ASN A 24 -0.28 14.57 -7.68
C ASN A 24 0.29 14.12 -9.03
N GLU A 25 0.60 12.83 -9.15
CA GLU A 25 1.14 12.28 -10.39
C GLU A 25 0.07 12.14 -11.46
N LEU A 26 -1.13 11.75 -11.04
CA LEU A 26 -2.23 11.51 -11.98
C LEU A 26 -2.65 12.76 -12.76
N GLU A 27 -2.32 13.93 -12.21
CA GLU A 27 -2.63 15.18 -12.90
C GLU A 27 -1.89 15.21 -14.24
N ARG A 28 -0.74 14.56 -14.28
CA ARG A 28 0.07 14.46 -15.51
C ARG A 28 -0.57 13.48 -16.51
N VAL A 29 -1.35 12.53 -16.00
CA VAL A 29 -1.97 11.52 -16.84
C VAL A 29 -3.40 11.90 -17.22
N ASN A 30 -4.22 12.16 -16.22
CA ASN A 30 -5.60 12.59 -16.42
C ASN A 30 -6.03 13.54 -15.32
N LEU A 31 -6.03 14.84 -15.64
CA LEU A 31 -6.37 15.87 -14.67
C LEU A 31 -7.73 15.60 -14.02
N SER A 32 -8.76 15.43 -14.84
CA SER A 32 -10.10 15.15 -14.33
C SER A 32 -10.11 13.94 -13.40
N ALA A 33 -9.25 12.96 -13.71
CA ALA A 33 -9.18 11.74 -12.90
C ALA A 33 -8.49 11.99 -11.58
N ALA A 34 -7.39 12.75 -11.60
CA ALA A 34 -6.69 13.13 -10.39
C ALA A 34 -7.60 13.99 -9.51
N GLN A 35 -8.40 14.84 -10.15
CA GLN A 35 -9.32 15.72 -9.44
C GLN A 35 -10.53 14.97 -8.90
N THR A 36 -11.09 14.09 -9.72
CA THR A 36 -12.23 13.30 -9.30
C THR A 36 -11.86 12.39 -8.13
N LEU A 37 -10.67 11.79 -8.21
CA LEU A 37 -10.19 10.91 -7.15
C LEU A 37 -9.90 11.68 -5.86
N ARG A 38 -9.24 12.82 -6.00
CA ARG A 38 -8.93 13.69 -4.88
C ARG A 38 -10.22 14.14 -4.18
N ALA A 39 -11.18 14.59 -4.97
CA ALA A 39 -12.45 15.05 -4.45
C ALA A 39 -13.23 13.90 -3.79
N ALA A 40 -13.10 12.71 -4.35
CA ALA A 40 -13.79 11.54 -3.81
C ALA A 40 -13.24 11.17 -2.44
N PHE A 41 -11.91 11.16 -2.30
CA PHE A 41 -11.29 10.80 -1.03
C PHE A 41 -11.51 11.87 0.05
N ILE A 42 -11.36 13.12 -0.31
CA ILE A 42 -11.55 14.21 0.66
C ILE A 42 -13.01 14.23 1.11
N LYS A 43 -13.92 14.03 0.17
CA LYS A 43 -15.35 13.95 0.47
C LYS A 43 -15.66 12.83 1.45
N ALA A 44 -15.18 11.63 1.15
CA ALA A 44 -15.41 10.47 2.00
C ALA A 44 -14.71 10.62 3.35
N GLU A 45 -13.58 11.32 3.36
CA GLU A 45 -12.83 11.50 4.60
C GLU A 45 -13.56 12.48 5.52
N LYS A 46 -14.13 13.53 4.94
CA LYS A 46 -14.88 14.50 5.72
C LYS A 46 -16.11 13.88 6.37
N GLU A 47 -16.80 13.02 5.62
CA GLU A 47 -17.98 12.33 6.15
C GLU A 47 -17.60 11.28 7.19
N ASN A 48 -16.54 10.52 6.92
CA ASN A 48 -16.07 9.51 7.86
C ASN A 48 -14.57 9.61 8.13
N PRO A 49 -14.17 10.50 9.05
CA PRO A 49 -12.75 10.63 9.36
C PRO A 49 -12.16 9.26 9.74
N GLY A 50 -11.05 8.90 9.11
CA GLY A 50 -10.43 7.60 9.35
C GLY A 50 -10.73 6.60 8.25
N LEU A 51 -11.56 7.00 7.28
CA LEU A 51 -11.96 6.13 6.19
C LEU A 51 -10.78 5.84 5.26
N THR A 52 -10.01 6.88 4.94
CA THR A 52 -8.86 6.74 4.06
C THR A 52 -7.86 5.75 4.64
N GLN A 53 -7.67 5.82 5.95
CA GLN A 53 -6.76 4.93 6.66
C GLN A 53 -7.21 3.47 6.58
N ASP A 54 -8.52 3.25 6.70
CA ASP A 54 -9.07 1.90 6.61
C ASP A 54 -8.90 1.34 5.20
N ILE A 55 -9.18 2.18 4.20
CA ILE A 55 -8.99 1.78 2.82
C ILE A 55 -7.54 1.37 2.55
N ILE A 56 -6.60 2.17 3.04
CA ILE A 56 -5.18 1.88 2.87
C ILE A 56 -4.78 0.58 3.55
N MET A 57 -5.31 0.35 4.75
CA MET A 57 -5.01 -0.88 5.49
C MET A 57 -5.55 -2.11 4.77
N LYS A 58 -6.72 -1.97 4.14
CA LYS A 58 -7.32 -3.08 3.39
C LYS A 58 -6.53 -3.38 2.12
N ILE A 59 -6.02 -2.34 1.48
CA ILE A 59 -5.18 -2.54 0.31
C ILE A 59 -3.90 -3.27 0.70
N LEU A 60 -3.32 -2.88 1.83
CA LEU A 60 -2.12 -3.54 2.34
C LEU A 60 -2.36 -5.02 2.63
N GLU A 61 -3.59 -5.37 2.98
CA GLU A 61 -3.93 -6.78 3.24
C GLU A 61 -3.96 -7.60 1.96
N LYS A 62 -4.06 -6.92 0.82
CA LYS A 62 -4.12 -7.59 -0.49
C LYS A 62 -2.75 -7.62 -1.15
N LYS A 63 -1.70 -7.42 -0.37
CA LYS A 63 -0.34 -7.36 -0.91
C LYS A 63 0.04 -8.60 -1.72
N SER A 64 -0.26 -9.79 -1.20
CA SER A 64 0.13 -11.03 -1.85
C SER A 64 -0.57 -11.18 -3.20
N VAL A 65 -1.85 -10.81 -3.23
CA VAL A 65 -2.63 -10.79 -4.46
C VAL A 65 -2.04 -9.81 -5.47
N GLU A 66 -1.67 -8.64 -4.99
CA GLU A 66 -1.10 -7.61 -5.84
C GLU A 66 0.28 -8.00 -6.37
N VAL A 67 1.07 -8.64 -5.51
CA VAL A 67 2.42 -9.07 -5.87
C VAL A 67 2.39 -10.10 -6.99
N ASN A 68 1.54 -11.11 -6.85
CA ASN A 68 1.41 -12.14 -7.88
C ASN A 68 0.90 -11.56 -9.19
N PHE A 69 -0.06 -10.66 -9.11
CA PHE A 69 -0.60 -10.03 -10.32
C PHE A 69 0.46 -9.22 -11.05
N THR A 70 1.33 -8.56 -10.30
CA THR A 70 2.38 -7.73 -10.88
C THR A 70 3.34 -8.58 -11.70
N GLU A 71 3.67 -9.76 -11.18
CA GLU A 71 4.54 -10.70 -11.87
C GLU A 71 3.89 -11.20 -13.16
N SER A 72 2.59 -11.52 -13.07
CA SER A 72 1.83 -11.97 -14.23
C SER A 72 1.77 -10.90 -15.31
N LEU A 73 1.67 -9.65 -14.87
CA LEU A 73 1.61 -8.52 -15.78
C LEU A 73 2.94 -8.38 -16.51
N LEU A 74 4.03 -8.58 -15.80
CA LEU A 74 5.36 -8.53 -16.38
C LEU A 74 5.50 -9.60 -17.46
N ARG A 75 5.01 -10.80 -17.16
CA ARG A 75 5.07 -11.91 -18.12
C ARG A 75 4.25 -11.62 -19.37
N MET A 76 3.15 -10.90 -19.21
CA MET A 76 2.23 -10.60 -20.30
C MET A 76 2.81 -9.56 -21.27
N ALA A 77 3.71 -8.72 -20.78
CA ALA A 77 4.24 -7.61 -21.55
C ALA A 77 4.82 -8.04 -22.90
N ALA A 78 5.27 -9.28 -22.98
CA ALA A 78 5.88 -9.81 -24.21
C ALA A 78 4.90 -9.90 -25.39
N ASP A 79 3.61 -9.91 -25.09
CA ASP A 79 2.58 -10.05 -26.13
C ASP A 79 1.73 -8.79 -26.29
N ASP A 80 2.20 -7.69 -25.70
CA ASP A 80 1.49 -6.41 -25.79
C ASP A 80 2.33 -5.43 -26.61
N VAL A 81 2.23 -5.55 -27.93
CA VAL A 81 3.15 -4.86 -28.84
C VAL A 81 2.44 -3.97 -29.87
N GLU A 82 1.49 -4.57 -30.59
CA GLU A 82 0.88 -3.93 -31.76
C GLU A 82 0.21 -2.58 -31.47
N GLU A 83 -0.17 -2.37 -30.22
CA GLU A 83 -0.88 -1.16 -29.83
C GLU A 83 0.05 0.06 -29.79
N TYR A 84 1.35 -0.19 -29.72
CA TYR A 84 2.31 0.91 -29.53
C TYR A 84 3.23 1.12 -30.73
N MET A 85 3.21 0.19 -31.68
CA MET A 85 4.10 0.26 -32.83
C MET A 85 3.99 1.59 -33.59
N ILE A 86 5.13 2.11 -34.01
CA ILE A 86 5.17 3.33 -34.80
C ILE A 86 4.76 3.03 -36.24
N GLU A 87 3.83 3.82 -36.76
CA GLU A 87 3.24 3.57 -38.06
C GLU A 87 3.87 4.40 -39.18
N ARG A 88 5.17 4.65 -39.09
CA ARG A 88 5.88 5.41 -40.11
C ARG A 88 6.70 4.52 -41.03
N PRO A 89 6.69 4.83 -42.34
CA PRO A 89 7.33 4.03 -43.40
C PRO A 89 8.85 3.93 -43.26
N GLU A 90 9.51 5.05 -42.96
CA GLU A 90 10.96 5.10 -42.87
C GLU A 90 11.53 3.87 -42.15
N PRO A 91 12.70 3.40 -42.59
CA PRO A 91 13.35 2.20 -42.04
C PRO A 91 13.73 2.34 -40.58
N GLU A 92 14.18 3.53 -40.19
CA GLU A 92 14.60 3.79 -38.82
C GLU A 92 13.46 3.57 -37.81
N PHE A 93 12.23 3.84 -38.22
CA PHE A 93 11.08 3.65 -37.33
C PHE A 93 10.76 2.18 -37.12
N GLN A 94 10.98 1.37 -38.16
CA GLN A 94 10.82 -0.08 -38.04
C GLN A 94 11.88 -0.64 -37.11
N ASP A 95 13.10 -0.11 -37.22
CA ASP A 95 14.19 -0.52 -36.35
C ASP A 95 13.93 -0.09 -34.91
N LEU A 96 13.29 1.07 -34.76
CA LEU A 96 12.89 1.56 -33.44
C LEU A 96 11.82 0.64 -32.83
N ASN A 97 10.87 0.21 -33.64
CA ASN A 97 9.85 -0.74 -33.20
C ASN A 97 10.50 -2.04 -32.72
N GLU A 98 11.55 -2.46 -33.41
CA GLU A 98 12.25 -3.70 -33.08
C GLU A 98 13.05 -3.58 -31.78
N LYS A 99 13.80 -2.49 -31.65
CA LYS A 99 14.61 -2.27 -30.45
C LYS A 99 13.73 -2.20 -29.21
N ALA A 100 12.57 -1.56 -29.34
CA ALA A 100 11.64 -1.43 -28.23
C ALA A 100 11.04 -2.78 -27.84
N ARG A 101 10.62 -3.52 -28.86
CA ARG A 101 10.07 -4.85 -28.68
C ARG A 101 11.09 -5.76 -28.01
N ALA A 102 12.32 -5.72 -28.48
CA ALA A 102 13.38 -6.57 -27.94
C ALA A 102 13.65 -6.29 -26.46
N LEU A 103 13.65 -5.00 -26.10
CA LEU A 103 13.85 -4.60 -24.70
C LEU A 103 12.74 -5.17 -23.85
N LYS A 104 11.50 -4.92 -24.28
CA LYS A 104 10.32 -5.36 -23.52
C LYS A 104 10.26 -6.88 -23.38
N GLN A 105 10.72 -7.60 -24.41
CA GLN A 105 10.78 -9.05 -24.37
C GLN A 105 11.72 -9.54 -23.27
N ILE A 106 12.92 -8.99 -23.23
CA ILE A 106 13.91 -9.40 -22.22
C ILE A 106 13.44 -9.04 -20.81
N LEU A 107 12.82 -7.88 -20.65
CA LEU A 107 12.30 -7.47 -19.35
C LEU A 107 11.19 -8.42 -18.90
N SER A 108 10.41 -8.91 -19.87
CA SER A 108 9.30 -9.82 -19.62
C SER A 108 9.76 -11.20 -19.13
N LYS A 109 10.99 -11.58 -19.48
CA LYS A 109 11.53 -12.87 -19.09
C LYS A 109 12.12 -12.88 -17.69
N ILE A 110 12.15 -11.71 -17.05
CA ILE A 110 12.72 -11.58 -15.71
C ILE A 110 12.15 -12.55 -14.68
N PRO A 111 10.81 -12.70 -14.63
CA PRO A 111 10.22 -13.65 -13.68
C PRO A 111 10.68 -15.09 -13.90
N ASP A 112 10.96 -15.44 -15.15
CA ASP A 112 11.41 -16.79 -15.48
C ASP A 112 12.90 -16.98 -15.21
N GLU A 113 13.65 -15.88 -15.21
CA GLU A 113 15.10 -15.95 -15.13
C GLU A 113 15.63 -15.65 -13.74
N ILE A 114 14.88 -14.87 -12.96
CA ILE A 114 15.36 -14.37 -11.68
C ILE A 114 15.72 -15.47 -10.69
N ASN A 115 15.19 -16.66 -10.90
CA ASN A 115 15.51 -17.80 -10.04
C ASN A 115 16.64 -18.66 -10.60
N ASP A 116 17.71 -18.00 -11.02
CA ASP A 116 18.91 -18.66 -11.53
C ASP A 116 20.01 -17.62 -11.66
N ARG A 117 20.81 -17.49 -10.60
CA ARG A 117 21.81 -16.43 -10.50
C ARG A 117 22.57 -16.22 -11.82
N VAL A 118 23.09 -17.31 -12.38
CA VAL A 118 23.88 -17.26 -13.59
C VAL A 118 23.10 -16.70 -14.77
N ARG A 119 21.88 -17.22 -14.98
CA ARG A 119 21.03 -16.77 -16.06
C ARG A 119 20.60 -15.32 -15.87
N PHE A 120 20.34 -14.95 -14.61
CA PHE A 120 19.88 -13.61 -14.30
C PHE A 120 20.97 -12.57 -14.55
N LEU A 121 22.21 -12.90 -14.20
CA LEU A 121 23.34 -12.01 -14.47
C LEU A 121 23.46 -11.71 -15.95
N GLN A 122 23.28 -12.73 -16.79
CA GLN A 122 23.36 -12.54 -18.24
C GLN A 122 22.18 -11.70 -18.74
N THR A 123 20.99 -12.00 -18.23
CA THR A 123 19.78 -11.26 -18.58
C THR A 123 19.94 -9.76 -18.32
N ILE A 124 20.56 -9.43 -17.19
CA ILE A 124 20.83 -8.05 -16.83
C ILE A 124 21.78 -7.39 -17.84
N LYS A 125 22.76 -8.15 -18.31
CA LYS A 125 23.67 -7.65 -19.33
C LYS A 125 22.93 -7.43 -20.64
N ASP A 126 22.01 -8.33 -20.95
CA ASP A 126 21.22 -8.22 -22.17
C ASP A 126 20.27 -7.03 -22.11
N ILE A 127 19.68 -6.80 -20.93
CA ILE A 127 18.81 -5.65 -20.73
C ILE A 127 19.57 -4.35 -20.95
N ALA A 128 20.75 -4.25 -20.34
CA ALA A 128 21.61 -3.08 -20.51
C ALA A 128 21.90 -2.82 -21.98
N SER A 129 22.32 -3.85 -22.71
CA SER A 129 22.64 -3.68 -24.12
C SER A 129 21.39 -3.29 -24.93
N ALA A 130 20.26 -3.91 -24.62
CA ALA A 130 19.01 -3.59 -25.30
C ALA A 130 18.60 -2.13 -25.08
N ILE A 131 18.88 -1.61 -23.88
CA ILE A 131 18.59 -0.22 -23.57
C ILE A 131 19.46 0.75 -24.34
N LYS A 132 20.76 0.48 -24.37
CA LYS A 132 21.70 1.31 -25.12
C LYS A 132 21.36 1.34 -26.61
N GLU A 133 20.99 0.19 -27.17
CA GLU A 133 20.63 0.12 -28.57
C GLU A 133 19.33 0.88 -28.87
N LEU A 134 18.38 0.82 -27.93
CA LEU A 134 17.12 1.54 -28.05
C LEU A 134 17.35 3.05 -28.04
N LEU A 135 18.17 3.51 -27.11
CA LEU A 135 18.47 4.93 -26.99
C LEU A 135 19.24 5.43 -28.20
N ASP A 136 20.16 4.60 -28.70
CA ASP A 136 20.94 4.97 -29.88
C ASP A 136 20.04 5.15 -31.10
N THR A 137 19.06 4.27 -31.24
CA THR A 137 18.13 4.34 -32.35
C THR A 137 17.24 5.57 -32.23
N VAL A 138 16.83 5.90 -31.00
CA VAL A 138 16.04 7.08 -30.74
C VAL A 138 16.81 8.34 -31.12
N ASN A 139 18.08 8.40 -30.71
CA ASN A 139 18.93 9.55 -31.02
C ASN A 139 19.10 9.76 -32.51
N ASN A 140 19.33 8.67 -33.25
CA ASN A 140 19.51 8.76 -34.69
C ASN A 140 18.27 9.28 -35.39
N VAL A 141 17.11 8.73 -35.00
CA VAL A 141 15.85 9.14 -35.60
C VAL A 141 15.52 10.59 -35.22
N PHE A 142 15.91 10.99 -34.02
CA PHE A 142 15.76 12.38 -33.59
C PHE A 142 16.51 13.33 -34.52
N LYS A 143 17.71 12.94 -34.92
CA LYS A 143 18.58 13.81 -35.70
C LYS A 143 18.21 13.85 -37.18
N LYS A 144 17.62 12.77 -37.68
CA LYS A 144 17.39 12.62 -39.11
C LYS A 144 16.06 13.17 -39.59
N TYR A 145 15.05 13.17 -38.72
CA TYR A 145 13.70 13.50 -39.14
C TYR A 145 13.10 14.70 -38.39
N GLN A 146 11.98 15.21 -38.92
CA GLN A 146 11.25 16.29 -38.29
C GLN A 146 10.04 15.74 -37.57
N TYR A 147 9.55 16.47 -36.57
CA TYR A 147 8.40 16.03 -35.79
C TYR A 147 7.50 17.19 -35.40
N GLN A 148 6.25 16.85 -35.06
CA GLN A 148 5.28 17.84 -34.63
C GLN A 148 5.56 18.34 -33.22
N ASN A 149 6.17 17.48 -32.42
CA ASN A 149 6.50 17.84 -31.04
C ASN A 149 7.79 17.17 -30.57
N ARG A 150 8.92 17.71 -31.04
CA ARG A 150 10.23 17.18 -30.67
C ARG A 150 10.49 17.31 -29.18
N ARG A 151 9.97 18.36 -28.57
CA ARG A 151 10.16 18.58 -27.14
C ARG A 151 9.53 17.48 -26.31
N ALA A 152 8.33 17.05 -26.71
CA ALA A 152 7.64 15.95 -26.02
C ALA A 152 8.44 14.67 -26.13
N LEU A 153 9.02 14.43 -27.30
CA LEU A 153 9.83 13.24 -27.54
C LEU A 153 11.07 13.21 -26.65
N GLU A 154 11.76 14.35 -26.57
CA GLU A 154 12.99 14.44 -25.76
C GLU A 154 12.68 14.26 -24.27
N HIS A 155 11.60 14.88 -23.83
CA HIS A 155 11.14 14.74 -22.45
C HIS A 155 10.87 13.28 -22.11
N GLN A 156 10.22 12.59 -23.04
CA GLN A 156 9.88 11.18 -22.84
C GLN A 156 11.13 10.30 -22.82
N LYS A 157 12.12 10.63 -23.66
CA LYS A 157 13.38 9.91 -23.65
C LYS A 157 14.09 10.05 -22.30
N LYS A 158 14.11 11.27 -21.78
CA LYS A 158 14.74 11.53 -20.48
C LYS A 158 13.99 10.86 -19.34
N GLU A 159 12.66 10.82 -19.45
CA GLU A 159 11.86 10.08 -18.48
C GLU A 159 12.28 8.61 -18.51
N PHE A 160 12.46 8.09 -19.73
CA PHE A 160 12.89 6.71 -19.91
C PHE A 160 14.26 6.47 -19.25
N VAL A 161 15.16 7.43 -19.40
CA VAL A 161 16.50 7.33 -18.80
C VAL A 161 16.44 7.27 -17.28
N LYS A 162 15.56 8.10 -16.69
CA LYS A 162 15.36 8.09 -15.24
C LYS A 162 14.87 6.73 -14.74
N TYR A 163 13.89 6.17 -15.44
CA TYR A 163 13.35 4.87 -15.06
C TYR A 163 14.34 3.75 -15.33
N SER A 164 15.22 3.98 -16.28
CA SER A 164 16.31 3.04 -16.57
C SER A 164 17.31 3.02 -15.41
N LYS A 165 17.70 4.19 -14.95
CA LYS A 165 18.64 4.27 -13.83
C LYS A 165 17.97 3.76 -12.55
N SER A 166 16.69 4.10 -12.40
CA SER A 166 15.90 3.58 -11.28
C SER A 166 15.88 2.05 -11.31
N PHE A 167 15.81 1.47 -12.51
CA PHE A 167 15.83 0.02 -12.64
C PHE A 167 17.18 -0.55 -12.19
N SER A 168 18.26 0.11 -12.61
CA SER A 168 19.61 -0.28 -12.21
C SER A 168 19.77 -0.24 -10.69
N ASP A 169 19.25 0.82 -10.07
CA ASP A 169 19.30 0.95 -8.62
C ASP A 169 18.53 -0.18 -7.94
N THR A 170 17.40 -0.54 -8.53
CA THR A 170 16.57 -1.62 -8.00
C THR A 170 17.31 -2.95 -8.01
N LEU A 171 18.05 -3.20 -9.10
CA LEU A 171 18.89 -4.38 -9.19
C LEU A 171 19.92 -4.44 -8.06
N LYS A 172 20.61 -3.33 -7.84
CA LYS A 172 21.59 -3.25 -6.76
C LYS A 172 20.95 -3.63 -5.44
N THR A 173 19.79 -3.06 -5.17
CA THR A 173 19.07 -3.31 -3.93
C THR A 173 18.61 -4.77 -3.85
N TYR A 174 18.20 -5.33 -4.98
CA TYR A 174 17.74 -6.71 -5.02
C TYR A 174 18.85 -7.67 -4.58
N PHE A 175 20.08 -7.38 -4.98
CA PHE A 175 21.21 -8.23 -4.58
C PHE A 175 21.54 -8.07 -3.09
N LYS A 176 20.85 -7.15 -2.43
CA LYS A 176 21.03 -6.96 -0.99
C LYS A 176 19.94 -7.69 -0.20
N ASP A 177 18.68 -7.37 -0.49
CA ASP A 177 17.56 -7.89 0.28
C ASP A 177 16.83 -9.07 -0.39
N GLY A 178 17.09 -9.27 -1.68
CA GLY A 178 16.53 -10.40 -2.39
C GLY A 178 15.02 -10.36 -2.62
N LYS A 179 14.45 -9.15 -2.59
CA LYS A 179 13.03 -8.99 -2.86
C LYS A 179 12.77 -8.82 -4.37
N ALA A 180 12.20 -9.85 -4.98
CA ALA A 180 12.01 -9.88 -6.42
C ALA A 180 10.92 -8.93 -6.91
N ILE A 181 9.92 -8.68 -6.05
CA ILE A 181 8.79 -7.84 -6.43
C ILE A 181 9.22 -6.45 -6.87
N ASN A 182 10.19 -5.86 -6.17
CA ASN A 182 10.69 -4.53 -6.54
C ASN A 182 11.27 -4.50 -7.95
N VAL A 183 11.92 -5.60 -8.34
CA VAL A 183 12.46 -5.74 -9.68
C VAL A 183 11.35 -5.87 -10.71
N PHE A 184 10.31 -6.62 -10.36
CA PHE A 184 9.15 -6.79 -11.23
C PHE A 184 8.44 -5.46 -11.46
N VAL A 185 8.25 -4.71 -10.38
CA VAL A 185 7.59 -3.40 -10.45
C VAL A 185 8.38 -2.44 -11.32
N SER A 186 9.68 -2.39 -11.08
CA SER A 186 10.58 -1.48 -11.80
C SER A 186 10.65 -1.83 -13.28
N ALA A 187 10.60 -3.13 -13.58
CA ALA A 187 10.62 -3.59 -14.96
C ALA A 187 9.33 -3.18 -15.67
N ASN A 188 8.20 -3.33 -14.98
CA ASN A 188 6.91 -2.92 -15.54
C ASN A 188 6.88 -1.43 -15.87
N ARG A 189 7.47 -0.62 -14.99
CA ARG A 189 7.51 0.82 -15.21
C ARG A 189 8.44 1.20 -16.36
N LEU A 190 9.55 0.47 -16.49
CA LEU A 190 10.46 0.69 -17.60
C LEU A 190 9.76 0.31 -18.90
N ILE A 191 8.98 -0.76 -18.86
CA ILE A 191 8.20 -1.19 -20.02
C ILE A 191 7.17 -0.12 -20.39
N HIS A 192 6.47 0.40 -19.39
CA HIS A 192 5.50 1.45 -19.62
C HIS A 192 6.15 2.69 -20.25
N GLN A 193 7.33 3.07 -19.75
CA GLN A 193 8.08 4.20 -20.30
C GLN A 193 8.52 3.93 -21.75
N THR A 194 8.84 2.67 -22.04
CA THR A 194 9.18 2.29 -23.40
C THR A 194 7.98 2.51 -24.32
N ASN A 195 6.81 2.07 -23.87
CA ASN A 195 5.59 2.26 -24.63
C ASN A 195 5.21 3.73 -24.82
N LEU A 196 5.46 4.55 -23.80
CA LEU A 196 5.20 5.99 -23.91
C LEU A 196 6.04 6.63 -25.01
N ILE A 197 7.30 6.23 -25.10
CA ILE A 197 8.18 6.71 -26.17
C ILE A 197 7.55 6.41 -27.53
N LEU A 198 7.14 5.17 -27.72
CA LEU A 198 6.52 4.74 -28.97
C LEU A 198 5.25 5.54 -29.26
N GLN A 199 4.41 5.69 -28.25
CA GLN A 199 3.14 6.40 -28.42
C GLN A 199 3.35 7.87 -28.75
N THR A 200 4.48 8.41 -28.32
CA THR A 200 4.77 9.82 -28.57
C THR A 200 5.23 10.03 -30.02
N PHE A 201 5.96 9.05 -30.54
CA PHE A 201 6.36 9.05 -31.94
C PHE A 201 5.16 8.89 -32.86
N LYS A 202 4.09 8.28 -32.35
CA LYS A 202 2.90 8.00 -33.14
C LYS A 202 2.08 9.26 -33.38
N THR A 203 2.04 10.12 -32.37
CA THR A 203 1.28 11.38 -32.46
C THR A 203 2.18 12.57 -32.78
N VAL A 204 3.49 12.33 -32.85
CA VAL A 204 4.46 13.39 -33.09
C VAL A 204 5.31 13.11 -34.33
N ALA B 5 -17.14 -10.60 -25.45
CA ALA B 5 -17.65 -9.95 -24.26
C ALA B 5 -16.52 -9.55 -23.31
N GLU B 6 -15.29 -9.61 -23.80
CA GLU B 6 -14.12 -9.30 -22.98
C GLU B 6 -13.18 -8.31 -23.64
N THR B 7 -13.42 -7.03 -23.40
CA THR B 7 -12.61 -5.98 -24.00
C THR B 7 -11.77 -5.27 -22.94
N THR B 8 -11.98 -5.65 -21.68
CA THR B 8 -11.23 -5.04 -20.58
C THR B 8 -9.80 -5.56 -20.52
N SER B 9 -8.85 -4.64 -20.46
CA SER B 9 -7.44 -4.99 -20.38
C SER B 9 -7.11 -5.71 -19.08
N MET B 10 -6.12 -6.59 -19.15
CA MET B 10 -5.67 -7.34 -17.99
C MET B 10 -5.11 -6.40 -16.91
N VAL B 11 -4.55 -5.26 -17.31
CA VAL B 11 -3.99 -4.32 -16.34
C VAL B 11 -5.03 -3.82 -15.35
N SER B 12 -6.30 -3.83 -15.77
CA SER B 12 -7.40 -3.30 -14.97
C SER B 12 -7.84 -4.24 -13.84
N MET B 13 -7.33 -5.46 -13.88
CA MET B 13 -7.70 -6.50 -12.91
C MET B 13 -7.77 -6.03 -11.44
N PRO B 14 -6.75 -5.28 -10.98
CA PRO B 14 -6.72 -4.86 -9.57
C PRO B 14 -7.96 -4.07 -9.16
N LEU B 15 -8.60 -3.39 -10.09
CA LEU B 15 -9.82 -2.66 -9.80
C LEU B 15 -10.88 -3.60 -9.23
N TYR B 16 -10.97 -4.80 -9.81
CA TYR B 16 -12.00 -5.77 -9.41
C TYR B 16 -11.50 -6.75 -8.34
N ALA B 17 -10.20 -7.01 -8.31
CA ALA B 17 -9.64 -7.95 -7.34
C ALA B 17 -9.27 -7.29 -6.02
N VAL B 18 -9.04 -5.98 -6.05
CA VAL B 18 -8.61 -5.25 -4.86
C VAL B 18 -9.60 -4.16 -4.44
N MET B 19 -9.89 -3.23 -5.35
CA MET B 19 -10.73 -2.07 -5.00
C MET B 19 -12.20 -2.42 -4.78
N TYR B 20 -12.78 -3.21 -5.68
CA TYR B 20 -14.20 -3.57 -5.59
C TYR B 20 -14.59 -4.23 -4.27
N PRO B 21 -13.79 -5.19 -3.78
CA PRO B 21 -14.05 -5.80 -2.48
C PRO B 21 -14.05 -4.76 -1.36
N VAL B 22 -13.10 -3.82 -1.42
CA VAL B 22 -13.03 -2.75 -0.43
C VAL B 22 -14.27 -1.86 -0.48
N PHE B 23 -14.69 -1.51 -1.70
CA PHE B 23 -15.89 -0.70 -1.89
C PHE B 23 -17.14 -1.42 -1.39
N ASN B 24 -17.26 -2.71 -1.72
CA ASN B 24 -18.42 -3.49 -1.30
C ASN B 24 -18.57 -3.50 0.22
N GLU B 25 -17.46 -3.62 0.93
CA GLU B 25 -17.50 -3.63 2.39
C GLU B 25 -17.81 -2.24 2.93
N LEU B 26 -17.43 -1.22 2.17
CA LEU B 26 -17.65 0.17 2.57
C LEU B 26 -19.11 0.58 2.42
N GLU B 27 -19.83 -0.09 1.52
CA GLU B 27 -21.23 0.20 1.27
C GLU B 27 -22.09 0.00 2.52
N ARG B 28 -21.58 -0.78 3.46
CA ARG B 28 -22.31 -1.08 4.69
C ARG B 28 -22.04 -0.02 5.76
N VAL B 29 -20.94 0.71 5.60
CA VAL B 29 -20.60 1.79 6.51
C VAL B 29 -21.09 3.13 5.94
N ASN B 30 -20.64 3.46 4.74
CA ASN B 30 -21.07 4.67 4.05
C ASN B 30 -21.36 4.37 2.58
N LEU B 31 -22.64 4.21 2.25
CA LEU B 31 -23.05 3.90 0.89
C LEU B 31 -22.57 4.99 -0.07
N SER B 32 -22.83 6.24 0.31
CA SER B 32 -22.44 7.38 -0.52
C SER B 32 -20.93 7.42 -0.80
N ALA B 33 -20.13 7.20 0.24
CA ALA B 33 -18.68 7.23 0.09
C ALA B 33 -18.21 6.12 -0.85
N ALA B 34 -18.71 4.91 -0.64
CA ALA B 34 -18.34 3.76 -1.46
C ALA B 34 -18.65 3.99 -2.93
N GLN B 35 -19.84 4.52 -3.20
CA GLN B 35 -20.26 4.82 -4.57
C GLN B 35 -19.37 5.87 -5.21
N THR B 36 -19.12 6.94 -4.48
CA THR B 36 -18.28 8.03 -4.96
C THR B 36 -16.86 7.53 -5.25
N LEU B 37 -16.28 6.79 -4.31
CA LEU B 37 -14.95 6.22 -4.50
C LEU B 37 -14.94 5.27 -5.68
N ARG B 38 -15.88 4.33 -5.70
CA ARG B 38 -15.98 3.37 -6.80
C ARG B 38 -16.13 4.10 -8.14
N ALA B 39 -17.04 5.07 -8.19
CA ALA B 39 -17.28 5.83 -9.41
C ALA B 39 -16.02 6.55 -9.88
N ALA B 40 -15.26 7.09 -8.93
CA ALA B 40 -14.02 7.78 -9.26
C ALA B 40 -12.96 6.82 -9.81
N PHE B 41 -12.86 5.63 -9.24
CA PHE B 41 -11.91 4.64 -9.73
C PHE B 41 -12.30 4.09 -11.09
N ILE B 42 -13.59 3.85 -11.29
CA ILE B 42 -14.10 3.36 -12.55
C ILE B 42 -13.80 4.36 -13.66
N LYS B 43 -14.22 5.61 -13.44
CA LYS B 43 -13.94 6.70 -14.37
C LYS B 43 -12.46 6.75 -14.75
N ALA B 44 -11.60 6.81 -13.74
CA ALA B 44 -10.16 6.93 -13.97
C ALA B 44 -9.59 5.72 -14.69
N GLU B 45 -10.06 4.53 -14.34
CA GLU B 45 -9.56 3.31 -14.95
C GLU B 45 -9.99 3.18 -16.42
N LYS B 46 -11.26 3.46 -16.69
CA LYS B 46 -11.78 3.35 -18.04
C LYS B 46 -11.09 4.32 -18.99
N GLU B 47 -10.80 5.52 -18.49
CA GLU B 47 -10.16 6.55 -19.32
C GLU B 47 -8.64 6.34 -19.42
N ASN B 48 -8.06 5.65 -18.45
CA ASN B 48 -6.63 5.35 -18.47
C ASN B 48 -6.30 3.99 -17.84
N PRO B 49 -6.51 2.91 -18.61
CA PRO B 49 -6.27 1.56 -18.12
C PRO B 49 -4.86 1.39 -17.55
N GLY B 50 -4.77 0.90 -16.32
CA GLY B 50 -3.49 0.72 -15.66
C GLY B 50 -3.32 1.61 -14.44
N LEU B 51 -4.15 2.65 -14.35
CA LEU B 51 -4.06 3.61 -13.25
C LEU B 51 -4.25 2.98 -11.88
N THR B 52 -5.20 2.05 -11.77
CA THR B 52 -5.52 1.43 -10.49
C THR B 52 -4.35 0.56 -10.01
N GLN B 53 -3.69 -0.10 -10.97
CA GLN B 53 -2.51 -0.90 -10.68
C GLN B 53 -1.39 -0.05 -10.08
N ASP B 54 -1.13 1.10 -10.69
CA ASP B 54 -0.05 1.97 -10.25
C ASP B 54 -0.37 2.65 -8.92
N ILE B 55 -1.63 3.06 -8.77
CA ILE B 55 -2.10 3.63 -7.51
C ILE B 55 -1.91 2.65 -6.35
N ILE B 56 -2.33 1.40 -6.57
CA ILE B 56 -2.19 0.38 -5.53
C ILE B 56 -0.73 0.11 -5.19
N MET B 57 0.11 0.01 -6.21
CA MET B 57 1.53 -0.24 -5.99
C MET B 57 2.21 0.89 -5.22
N LYS B 58 1.88 2.14 -5.56
CA LYS B 58 2.43 3.29 -4.84
C LYS B 58 2.03 3.25 -3.37
N ILE B 59 0.80 2.82 -3.09
CA ILE B 59 0.33 2.69 -1.72
C ILE B 59 1.13 1.64 -0.97
N LEU B 60 1.42 0.53 -1.64
CA LEU B 60 2.25 -0.53 -1.05
C LEU B 60 3.67 -0.04 -0.81
N GLU B 61 4.17 0.78 -1.71
CA GLU B 61 5.52 1.33 -1.59
C GLU B 61 5.63 2.31 -0.42
N LYS B 62 4.49 2.82 0.03
CA LYS B 62 4.46 3.73 1.16
C LYS B 62 4.06 3.05 2.46
N LYS B 63 4.29 1.75 2.57
CA LYS B 63 3.92 1.03 3.77
C LYS B 63 4.64 1.59 5.00
N SER B 64 5.89 1.99 4.82
CA SER B 64 6.70 2.54 5.91
C SER B 64 6.04 3.79 6.52
N VAL B 65 5.44 4.61 5.66
CA VAL B 65 4.69 5.77 6.12
C VAL B 65 3.51 5.29 6.97
N GLU B 66 2.94 4.16 6.57
CA GLU B 66 1.80 3.57 7.27
C GLU B 66 2.23 2.92 8.60
N VAL B 67 3.43 2.35 8.60
CA VAL B 67 3.99 1.78 9.82
C VAL B 67 4.25 2.87 10.85
N ASN B 68 4.90 3.94 10.40
CA ASN B 68 5.16 5.10 11.24
C ASN B 68 3.86 5.66 11.84
N PHE B 69 2.83 5.79 11.01
CA PHE B 69 1.56 6.33 11.44
C PHE B 69 0.87 5.41 12.46
N THR B 70 0.97 4.11 12.23
CA THR B 70 0.37 3.14 13.14
C THR B 70 1.13 3.10 14.47
N GLU B 71 2.43 3.33 14.41
CA GLU B 71 3.24 3.42 15.63
C GLU B 71 2.83 4.61 16.48
N SER B 72 2.68 5.77 15.84
CA SER B 72 2.38 7.02 16.54
C SER B 72 1.02 6.97 17.22
N LEU B 73 0.05 6.33 16.54
CA LEU B 73 -1.29 6.14 17.10
C LEU B 73 -1.22 5.30 18.38
N LEU B 74 -0.41 4.25 18.34
CA LEU B 74 -0.22 3.39 19.50
C LEU B 74 0.39 4.18 20.66
N ARG B 75 1.40 4.99 20.38
CA ARG B 75 2.06 5.77 21.41
C ARG B 75 1.09 6.78 22.03
N MET B 76 0.15 7.24 21.21
CA MET B 76 -0.82 8.25 21.62
C MET B 76 -1.96 7.65 22.44
N ALA B 77 -2.24 6.37 22.19
CA ALA B 77 -3.40 5.72 22.81
C ALA B 77 -3.26 5.58 24.32
N ALA B 78 -2.07 5.86 24.84
CA ALA B 78 -1.82 5.76 26.27
C ALA B 78 -2.33 6.96 27.05
N ASP B 79 -2.37 8.12 26.40
CA ASP B 79 -2.79 9.35 27.05
C ASP B 79 -4.21 9.25 27.62
N ARG B 88 -15.07 9.68 40.21
CA ARG B 88 -15.26 8.69 41.25
C ARG B 88 -13.96 8.42 42.01
N PRO B 89 -13.85 8.98 43.22
CA PRO B 89 -12.67 8.82 44.09
C PRO B 89 -12.64 7.47 44.79
N GLU B 90 -13.70 6.67 44.60
CA GLU B 90 -13.80 5.36 45.24
C GLU B 90 -12.51 4.55 45.07
N PRO B 91 -12.05 3.93 46.16
CA PRO B 91 -10.81 3.14 46.18
C PRO B 91 -10.76 2.07 45.09
N GLU B 92 -11.89 1.42 44.84
CA GLU B 92 -11.97 0.38 43.83
C GLU B 92 -11.82 0.96 42.42
N PHE B 93 -12.30 2.18 42.24
CA PHE B 93 -12.20 2.85 40.94
C PHE B 93 -10.80 3.41 40.70
N GLN B 94 -10.14 3.83 41.78
CA GLN B 94 -8.77 4.31 41.68
C GLN B 94 -7.86 3.16 41.24
N ASP B 95 -8.14 1.96 41.75
CA ASP B 95 -7.38 0.77 41.39
C ASP B 95 -7.60 0.42 39.92
N LEU B 96 -8.86 0.48 39.49
CA LEU B 96 -9.19 0.17 38.10
C LEU B 96 -8.50 1.14 37.15
N ASN B 97 -8.50 2.43 37.50
CA ASN B 97 -7.84 3.45 36.70
C ASN B 97 -6.34 3.25 36.64
N GLU B 98 -5.74 2.83 37.75
CA GLU B 98 -4.30 2.60 37.81
C GLU B 98 -3.89 1.41 36.95
N LYS B 99 -4.57 0.29 37.14
CA LYS B 99 -4.27 -0.93 36.40
C LYS B 99 -4.43 -0.74 34.90
N ALA B 100 -5.54 -0.12 34.51
CA ALA B 100 -5.80 0.17 33.10
C ALA B 100 -4.70 1.06 32.53
N ARG B 101 -4.31 2.08 33.30
CA ARG B 101 -3.30 3.03 32.86
C ARG B 101 -1.94 2.38 32.64
N ALA B 102 -1.56 1.49 33.55
CA ALA B 102 -0.28 0.80 33.44
C ALA B 102 -0.23 -0.09 32.19
N LEU B 103 -1.35 -0.73 31.89
CA LEU B 103 -1.45 -1.62 30.73
C LEU B 103 -1.31 -0.81 29.44
N LYS B 104 -2.09 0.27 29.35
CA LYS B 104 -2.05 1.15 28.19
C LYS B 104 -0.65 1.70 27.98
N GLN B 105 0.01 2.09 29.07
CA GLN B 105 1.37 2.63 29.00
C GLN B 105 2.37 1.62 28.44
N ILE B 106 2.27 0.38 28.90
CA ILE B 106 3.17 -0.67 28.43
C ILE B 106 2.94 -0.96 26.95
N LEU B 107 1.66 -1.07 26.57
CA LEU B 107 1.30 -1.33 25.18
C LEU B 107 1.78 -0.23 24.24
N SER B 108 1.78 1.01 24.73
CA SER B 108 2.18 2.15 23.93
C SER B 108 3.68 2.21 23.65
N LYS B 109 4.45 1.43 24.41
CA LYS B 109 5.90 1.39 24.26
C LYS B 109 6.35 0.38 23.22
N ILE B 110 5.43 -0.48 22.79
CA ILE B 110 5.77 -1.56 21.87
C ILE B 110 6.60 -1.13 20.65
N PRO B 111 6.19 -0.04 19.99
CA PRO B 111 6.92 0.41 18.79
C PRO B 111 8.41 0.62 19.05
N ASP B 112 8.75 1.06 20.26
CA ASP B 112 10.13 1.40 20.58
C ASP B 112 10.82 0.28 21.32
N GLU B 113 10.16 -0.87 21.39
CA GLU B 113 10.66 -2.01 22.14
C GLU B 113 10.78 -3.23 21.23
N ILE B 114 10.03 -3.21 20.14
CA ILE B 114 9.91 -4.39 19.28
C ILE B 114 11.17 -4.69 18.47
N ASN B 115 12.02 -3.68 18.31
CA ASN B 115 13.24 -3.84 17.52
C ASN B 115 14.38 -4.52 18.27
N ASP B 116 14.18 -4.72 19.57
CA ASP B 116 15.15 -5.46 20.38
C ASP B 116 14.51 -6.73 20.92
N ARG B 117 14.97 -7.88 20.41
CA ARG B 117 14.42 -9.17 20.82
C ARG B 117 14.31 -9.29 22.34
N VAL B 118 15.45 -9.24 23.01
CA VAL B 118 15.51 -9.44 24.46
C VAL B 118 14.52 -8.56 25.22
N ARG B 119 14.59 -7.26 24.99
CA ARG B 119 13.76 -6.32 25.72
C ARG B 119 12.28 -6.44 25.32
N PHE B 120 12.04 -6.95 24.12
CA PHE B 120 10.67 -7.15 23.65
C PHE B 120 10.03 -8.35 24.31
N LEU B 121 10.84 -9.35 24.63
CA LEU B 121 10.35 -10.55 25.31
C LEU B 121 9.90 -10.21 26.73
N GLN B 122 10.67 -9.34 27.39
CA GLN B 122 10.32 -8.86 28.71
C GLN B 122 9.04 -8.02 28.66
N THR B 123 8.92 -7.21 27.60
CA THR B 123 7.74 -6.39 27.39
C THR B 123 6.48 -7.24 27.33
N ILE B 124 6.57 -8.36 26.62
CA ILE B 124 5.46 -9.29 26.52
C ILE B 124 5.06 -9.79 27.90
N LYS B 125 6.07 -10.09 28.72
CA LYS B 125 5.82 -10.52 30.10
C LYS B 125 5.20 -9.39 30.92
N ASP B 126 5.67 -8.17 30.68
CA ASP B 126 5.10 -7.00 31.36
C ASP B 126 3.64 -6.84 30.98
N ILE B 127 3.33 -7.08 29.71
CA ILE B 127 1.96 -7.00 29.21
C ILE B 127 1.08 -8.08 29.84
N ALA B 128 1.64 -9.28 29.98
CA ALA B 128 0.90 -10.40 30.56
C ALA B 128 0.49 -10.10 32.00
N SER B 129 1.46 -9.75 32.84
CA SER B 129 1.17 -9.44 34.24
C SER B 129 0.29 -8.20 34.38
N ALA B 130 0.50 -7.22 33.50
CA ALA B 130 -0.32 -6.01 33.53
C ALA B 130 -1.79 -6.31 33.26
N ILE B 131 -2.03 -7.20 32.31
CA ILE B 131 -3.39 -7.62 31.98
C ILE B 131 -3.97 -8.45 33.13
N LYS B 132 -3.11 -9.26 33.74
CA LYS B 132 -3.50 -10.09 34.87
C LYS B 132 -3.97 -9.22 36.03
N GLU B 133 -3.20 -8.18 36.33
CA GLU B 133 -3.54 -7.25 37.40
C GLU B 133 -4.84 -6.52 37.10
N LEU B 134 -4.99 -6.08 35.85
CA LEU B 134 -6.20 -5.42 35.42
C LEU B 134 -7.42 -6.31 35.61
N LEU B 135 -7.31 -7.57 35.18
CA LEU B 135 -8.41 -8.51 35.30
C LEU B 135 -8.77 -8.79 36.75
N ASP B 136 -7.75 -8.90 37.60
CA ASP B 136 -7.98 -9.10 39.03
C ASP B 136 -8.77 -7.93 39.60
N THR B 137 -8.32 -6.72 39.30
CA THR B 137 -9.01 -5.51 39.74
C THR B 137 -10.43 -5.46 39.19
N VAL B 138 -10.59 -5.88 37.94
CA VAL B 138 -11.91 -5.94 37.31
C VAL B 138 -12.81 -6.89 38.09
N ASN B 139 -12.24 -8.01 38.55
CA ASN B 139 -12.98 -8.98 39.33
C ASN B 139 -13.32 -8.46 40.72
N ASN B 140 -12.53 -7.51 41.21
CA ASN B 140 -12.78 -6.91 42.51
C ASN B 140 -14.03 -6.06 42.53
N VAL B 141 -14.07 -5.03 41.68
CA VAL B 141 -15.25 -4.19 41.55
C VAL B 141 -16.42 -5.03 41.03
N PHE B 142 -16.09 -6.14 40.38
CA PHE B 142 -17.09 -7.08 39.88
C PHE B 142 -17.89 -7.66 41.03
N LYS B 143 -17.24 -7.84 42.17
CA LYS B 143 -17.85 -8.47 43.33
C LYS B 143 -18.60 -7.46 44.20
N LYS B 144 -18.69 -6.22 43.74
CA LYS B 144 -19.34 -5.18 44.55
C LYS B 144 -20.48 -4.49 43.81
N TYR B 145 -20.63 -4.77 42.51
CA TYR B 145 -21.66 -4.14 41.71
C TYR B 145 -23.03 -4.80 41.93
N GLN B 146 -23.04 -5.86 42.73
CA GLN B 146 -24.26 -6.61 43.07
C GLN B 146 -25.35 -6.57 42.00
N TYR B 147 -25.01 -7.01 40.80
CA TYR B 147 -26.00 -7.27 39.75
C TYR B 147 -26.76 -6.05 39.22
N GLN B 148 -26.40 -4.85 39.68
CA GLN B 148 -27.03 -3.65 39.14
C GLN B 148 -26.62 -3.47 37.67
N ASN B 149 -27.35 -4.14 36.79
CA ASN B 149 -27.00 -4.17 35.37
C ASN B 149 -25.56 -4.63 35.17
N ARG B 150 -25.17 -5.65 35.94
CA ARG B 150 -23.82 -6.20 35.86
C ARG B 150 -23.58 -6.92 34.55
N ARG B 151 -24.66 -7.22 33.83
CA ARG B 151 -24.56 -7.91 32.55
C ARG B 151 -23.61 -7.17 31.61
N ALA B 152 -23.65 -5.84 31.68
CA ALA B 152 -22.79 -5.01 30.84
C ALA B 152 -21.33 -5.15 31.25
N LEU B 153 -21.11 -5.59 32.48
CA LEU B 153 -19.76 -5.80 32.99
C LEU B 153 -19.18 -7.14 32.51
N GLU B 154 -19.93 -8.21 32.72
CA GLU B 154 -19.51 -9.52 32.24
C GLU B 154 -19.37 -9.52 30.72
N HIS B 155 -20.09 -8.60 30.08
CA HIS B 155 -20.01 -8.46 28.63
C HIS B 155 -18.72 -7.75 28.22
N GLN B 156 -18.46 -6.61 28.84
CA GLN B 156 -17.29 -5.82 28.50
C GLN B 156 -16.01 -6.56 28.88
N LYS B 157 -16.04 -7.24 30.03
CA LYS B 157 -14.88 -8.03 30.46
C LYS B 157 -14.52 -9.06 29.39
N LYS B 158 -15.53 -9.77 28.90
CA LYS B 158 -15.31 -10.81 27.90
C LYS B 158 -14.85 -10.24 26.56
N GLU B 159 -15.35 -9.05 26.22
CA GLU B 159 -14.89 -8.36 25.02
C GLU B 159 -13.41 -8.03 25.14
N PHE B 160 -12.98 -7.68 26.34
CA PHE B 160 -11.59 -7.33 26.60
C PHE B 160 -10.69 -8.57 26.54
N VAL B 161 -11.12 -9.65 27.17
CA VAL B 161 -10.34 -10.88 27.21
C VAL B 161 -10.32 -11.53 25.83
N LYS B 162 -11.28 -11.14 24.99
CA LYS B 162 -11.36 -11.65 23.62
C LYS B 162 -10.32 -10.94 22.76
N TYR B 163 -10.20 -9.63 22.94
CA TYR B 163 -9.17 -8.86 22.24
C TYR B 163 -7.79 -9.14 22.81
N SER B 164 -7.75 -9.49 24.09
CA SER B 164 -6.50 -9.87 24.74
C SER B 164 -5.95 -11.15 24.12
N LYS B 165 -6.82 -12.15 23.97
CA LYS B 165 -6.44 -13.40 23.32
C LYS B 165 -6.09 -13.14 21.87
N SER B 166 -6.91 -12.33 21.20
CA SER B 166 -6.66 -11.94 19.81
C SER B 166 -5.29 -11.26 19.67
N PHE B 167 -4.87 -10.57 20.72
CA PHE B 167 -3.57 -9.92 20.72
C PHE B 167 -2.46 -10.95 20.96
N SER B 168 -2.73 -11.88 21.87
CA SER B 168 -1.80 -12.97 22.13
C SER B 168 -1.55 -13.77 20.85
N ASP B 169 -2.63 -14.05 20.13
CA ASP B 169 -2.52 -14.75 18.87
C ASP B 169 -1.68 -13.95 17.89
N THR B 170 -1.87 -12.64 17.90
CA THR B 170 -1.13 -11.74 17.00
C THR B 170 0.36 -11.78 17.30
N LEU B 171 0.72 -11.92 18.58
CA LEU B 171 2.12 -12.02 18.97
C LEU B 171 2.74 -13.31 18.44
N LYS B 172 2.05 -14.43 18.62
CA LYS B 172 2.52 -15.71 18.13
C LYS B 172 2.78 -15.69 16.62
N THR B 173 1.78 -15.25 15.87
CA THR B 173 1.90 -15.17 14.42
C THR B 173 3.00 -14.18 14.02
N TYR B 174 3.30 -13.23 14.90
CA TYR B 174 4.36 -12.26 14.62
C TYR B 174 5.75 -12.89 14.72
N PHE B 175 5.94 -13.74 15.72
CA PHE B 175 7.24 -14.37 15.91
C PHE B 175 7.60 -15.34 14.78
N LYS B 176 6.65 -15.56 13.88
CA LYS B 176 6.90 -16.38 12.69
C LYS B 176 6.78 -15.53 11.41
N ASP B 177 5.87 -14.56 11.44
CA ASP B 177 5.69 -13.65 10.31
C ASP B 177 6.79 -12.61 10.29
N GLY B 178 6.79 -11.75 11.31
CA GLY B 178 7.74 -10.65 11.38
C GLY B 178 7.07 -9.34 11.01
N LYS B 179 5.75 -9.39 10.85
CA LYS B 179 4.96 -8.21 10.50
C LYS B 179 4.58 -7.44 11.75
N ALA B 180 5.36 -6.40 12.04
CA ALA B 180 5.14 -5.60 13.25
C ALA B 180 3.83 -4.83 13.21
N ILE B 181 3.43 -4.36 12.03
CA ILE B 181 2.25 -3.52 11.90
C ILE B 181 0.99 -4.20 12.45
N ASN B 182 0.94 -5.52 12.37
CA ASN B 182 -0.19 -6.27 12.92
C ASN B 182 -0.20 -6.20 14.44
N VAL B 183 0.99 -6.24 15.05
CA VAL B 183 1.12 -6.09 16.49
C VAL B 183 0.66 -4.70 16.93
N PHE B 184 1.10 -3.68 16.19
CA PHE B 184 0.74 -2.30 16.51
C PHE B 184 -0.79 -2.11 16.45
N VAL B 185 -1.39 -2.62 15.39
CA VAL B 185 -2.83 -2.52 15.19
C VAL B 185 -3.60 -3.25 16.29
N SER B 186 -3.17 -4.46 16.59
CA SER B 186 -3.80 -5.28 17.63
C SER B 186 -3.64 -4.63 19.01
N ALA B 187 -2.46 -4.10 19.29
CA ALA B 187 -2.22 -3.42 20.57
C ALA B 187 -3.14 -2.21 20.70
N ASN B 188 -3.34 -1.51 19.59
CA ASN B 188 -4.26 -0.38 19.55
C ASN B 188 -5.68 -0.79 19.91
N ARG B 189 -6.13 -1.91 19.37
CA ARG B 189 -7.47 -2.41 19.64
C ARG B 189 -7.62 -2.78 21.11
N LEU B 190 -6.58 -3.37 21.67
CA LEU B 190 -6.59 -3.79 23.07
C LEU B 190 -6.73 -2.56 23.97
N ILE B 191 -6.04 -1.49 23.62
CA ILE B 191 -6.13 -0.25 24.38
C ILE B 191 -7.56 0.29 24.34
N HIS B 192 -8.14 0.34 23.14
CA HIS B 192 -9.51 0.80 22.99
C HIS B 192 -10.47 -0.02 23.85
N GLN B 193 -10.23 -1.32 23.91
CA GLN B 193 -11.05 -2.23 24.73
C GLN B 193 -10.82 -1.97 26.22
N THR B 194 -9.62 -1.54 26.56
CA THR B 194 -9.29 -1.19 27.93
C THR B 194 -10.12 0.02 28.35
N ASN B 195 -10.18 1.01 27.47
CA ASN B 195 -10.99 2.20 27.70
C ASN B 195 -12.48 1.86 27.82
N LEU B 196 -12.94 0.91 27.00
CA LEU B 196 -14.33 0.49 27.02
C LEU B 196 -14.74 -0.06 28.39
N ILE B 197 -13.83 -0.81 29.01
CA ILE B 197 -14.07 -1.32 30.36
C ILE B 197 -14.29 -0.18 31.34
N LEU B 198 -13.36 0.77 31.33
CA LEU B 198 -13.44 1.94 32.20
C LEU B 198 -14.74 2.71 31.97
N GLN B 199 -15.11 2.88 30.70
CA GLN B 199 -16.26 3.68 30.33
C GLN B 199 -17.58 2.98 30.67
N THR B 200 -17.60 1.67 30.54
CA THR B 200 -18.81 0.89 30.82
C THR B 200 -19.37 1.16 32.20
N PHE B 201 -18.51 1.60 33.12
CA PHE B 201 -18.92 1.87 34.49
C PHE B 201 -19.80 3.12 34.63
N LYS B 202 -20.70 3.30 33.68
CA LYS B 202 -21.65 4.42 33.70
C LYS B 202 -22.91 4.02 34.47
#